data_7P2L
#
_entry.id   7P2L
#
_cell.length_a   141.690
_cell.length_b   43.400
_cell.length_c   82.120
_cell.angle_alpha   90.000
_cell.angle_beta   99.380
_cell.angle_gamma   90.000
#
_symmetry.space_group_name_H-M   'C 1 2 1'
#
loop_
_entity.id
_entity.type
_entity.pdbx_description
1 polymer 'Metabotropic glutamate receptor 5,Endolysin,Metabotropic glutamate receptor 5'
2 non-polymer 2-chloranyl-~{N}-[2-methoxy-4-[(~{E})-pyridin-2-yldiazenyl]phenyl]benzamide
3 water water
#
_entity_poly.entity_id   1
_entity_poly.type   'polypeptide(L)'
_entity_poly.pdbx_seq_one_letter_code
;MVSAIVLYVLLAAAAHSAFAAASPVQYLRWGDPAPIAAVVFACLGLLATLFVTVVFIIYRDTPVVKSSSRELCYIILAGI
CLGYLCTF(YCM)LIAKPKQIYCYLQRIGIGLSPAMSYSALVTKTYRAARILAMSKKNIFEMLRIDEGLRLKIYKDTEGY
YTIGIGHLLTKSPSLNAAKSELDKAIGRNTNGVITKDEAEKLFNQDVDAAVRGILRNAKLKPVYDSLDAVRRAALINMVF
QMGETGVAGFTNSLRMLQQKRWDEAAVNLAKSRWYNQTPNRAKRVITTFRTGTWDAYKICTKKPRFMSA(YCM)AQLVIA
FILICIQLGIIVALFIMEPPDIMHDYPSIREVYLICNTTNLGVVAPLGYNGLLILACTFYAFKTRNVPANFNEAKYIAFT
MYTTCIIWLAFVPIYFGSNYKIITMCFSVSLSATVALGCMFVPKVYIILAKPERNVRSAAAAHHHHHHHHHH
;
_entity_poly.pdbx_strand_id   A
#
# COMPACT_ATOMS: atom_id res chain seq x y z
N SER A 23 -6.73 41.77 -4.73
CA SER A 23 -6.20 41.40 -6.08
C SER A 23 -4.75 40.91 -5.95
N PRO A 24 -4.44 39.63 -6.26
CA PRO A 24 -3.07 39.11 -6.18
C PRO A 24 -2.10 39.77 -7.16
N VAL A 25 -2.62 40.31 -8.26
CA VAL A 25 -1.82 41.03 -9.30
C VAL A 25 -1.29 42.32 -8.67
N GLN A 26 -2.15 43.04 -7.93
CA GLN A 26 -1.79 44.30 -7.21
C GLN A 26 -0.67 44.02 -6.21
N TYR A 27 -0.75 42.92 -5.48
CA TYR A 27 0.27 42.55 -4.46
C TYR A 27 1.58 42.27 -5.16
N LEU A 28 1.56 41.69 -6.38
CA LEU A 28 2.76 41.43 -7.22
C LEU A 28 3.43 42.76 -7.59
N ARG A 29 2.66 43.73 -8.11
CA ARG A 29 3.12 45.11 -8.47
C ARG A 29 3.88 45.70 -7.28
N TRP A 30 3.20 45.94 -6.16
CA TRP A 30 3.82 46.07 -4.82
C TRP A 30 4.73 44.83 -4.67
N GLY A 31 5.84 44.89 -3.94
CA GLY A 31 6.89 43.86 -4.06
C GLY A 31 6.54 42.54 -3.37
N ASP A 32 5.36 41.96 -3.63
CA ASP A 32 4.87 40.71 -2.94
C ASP A 32 4.27 39.72 -3.94
N PRO A 33 5.06 38.74 -4.44
CA PRO A 33 4.56 37.80 -5.45
C PRO A 33 3.91 36.52 -4.90
N ALA A 34 3.84 36.38 -3.57
CA ALA A 34 3.40 35.13 -2.88
C ALA A 34 1.96 34.82 -3.26
N PRO A 35 1.02 35.78 -3.16
CA PRO A 35 -0.37 35.54 -3.57
C PRO A 35 -0.48 35.03 -5.00
N ILE A 36 0.18 35.69 -5.96
CA ILE A 36 0.04 35.35 -7.40
C ILE A 36 0.65 33.94 -7.62
N ALA A 37 1.80 33.65 -7.00
CA ALA A 37 2.45 32.31 -7.02
C ALA A 37 1.42 31.25 -6.61
N ALA A 38 0.86 31.40 -5.40
CA ALA A 38 -0.15 30.51 -4.79
C ALA A 38 -1.32 30.29 -5.75
N VAL A 39 -1.85 31.36 -6.35
CA VAL A 39 -3.04 31.31 -7.26
C VAL A 39 -2.67 30.52 -8.52
N VAL A 40 -1.43 30.68 -9.00
CA VAL A 40 -0.93 30.03 -10.24
C VAL A 40 -0.72 28.53 -9.94
N PHE A 41 0.06 28.20 -8.90
CA PHE A 41 0.24 26.82 -8.38
C PHE A 41 -1.14 26.11 -8.33
N ALA A 42 -2.12 26.71 -7.66
CA ALA A 42 -3.49 26.18 -7.51
C ALA A 42 -4.12 25.91 -8.88
N CYS A 43 -4.03 26.85 -9.83
CA CYS A 43 -4.70 26.77 -11.16
C CYS A 43 -4.08 25.66 -12.01
N LEU A 44 -2.74 25.59 -12.05
CA LEU A 44 -1.98 24.53 -12.75
C LEU A 44 -2.39 23.18 -12.15
N GLY A 45 -2.52 23.15 -10.82
CA GLY A 45 -3.10 22.04 -10.04
C GLY A 45 -4.45 21.61 -10.57
N LEU A 46 -5.40 22.54 -10.73
CA LEU A 46 -6.79 22.22 -11.15
C LEU A 46 -6.79 21.65 -12.57
N LEU A 47 -6.15 22.36 -13.50
CA LEU A 47 -5.95 21.92 -14.91
C LEU A 47 -5.47 20.46 -14.90
N ALA A 48 -4.34 20.20 -14.24
CA ALA A 48 -3.66 18.90 -14.18
C ALA A 48 -4.63 17.83 -13.67
N THR A 49 -5.43 18.16 -12.67
CA THR A 49 -6.44 17.27 -12.03
C THR A 49 -7.59 17.03 -13.00
N LEU A 50 -8.02 18.07 -13.73
CA LEU A 50 -9.12 18.01 -14.73
C LEU A 50 -8.67 17.15 -15.91
N PHE A 51 -7.43 17.37 -16.37
CA PHE A 51 -6.79 16.53 -17.40
C PHE A 51 -6.86 15.08 -16.90
N VAL A 52 -6.15 14.78 -15.79
CA VAL A 52 -5.99 13.41 -15.24
C VAL A 52 -7.36 12.73 -15.15
N THR A 53 -8.37 13.44 -14.65
CA THR A 53 -9.76 12.94 -14.46
C THR A 53 -10.37 12.53 -15.80
N VAL A 54 -10.48 13.48 -16.74
CA VAL A 54 -11.15 13.29 -18.06
C VAL A 54 -10.44 12.16 -18.80
N VAL A 55 -9.12 12.04 -18.62
CA VAL A 55 -8.28 10.93 -19.18
C VAL A 55 -8.76 9.60 -18.59
N PHE A 56 -9.02 9.54 -17.29
CA PHE A 56 -9.44 8.30 -16.57
C PHE A 56 -10.86 7.94 -17.00
N ILE A 57 -11.74 8.92 -17.20
CA ILE A 57 -13.13 8.70 -17.71
C ILE A 57 -13.03 8.06 -19.10
N ILE A 58 -12.40 8.76 -20.05
CA ILE A 58 -12.26 8.32 -21.47
C ILE A 58 -11.74 6.87 -21.49
N TYR A 59 -10.65 6.58 -20.77
CA TYR A 59 -9.92 5.29 -20.80
C TYR A 59 -10.29 4.44 -19.57
N ARG A 60 -11.54 4.55 -19.10
CA ARG A 60 -12.05 3.81 -17.92
C ARG A 60 -12.15 2.31 -18.22
N ASP A 61 -12.41 1.93 -19.48
CA ASP A 61 -12.65 0.53 -19.91
C ASP A 61 -11.33 -0.25 -19.96
N THR A 62 -10.19 0.43 -20.10
CA THR A 62 -8.85 -0.18 -20.29
C THR A 62 -8.39 -0.84 -18.99
N PRO A 63 -7.46 -1.81 -19.05
CA PRO A 63 -7.03 -2.55 -17.85
C PRO A 63 -6.22 -1.79 -16.80
N VAL A 64 -5.83 -0.54 -17.07
CA VAL A 64 -4.96 0.24 -16.12
C VAL A 64 -5.87 1.09 -15.21
N VAL A 65 -7.11 1.34 -15.65
CA VAL A 65 -8.14 2.08 -14.86
C VAL A 65 -9.14 1.09 -14.27
N LYS A 66 -9.55 0.06 -15.04
CA LYS A 66 -10.62 -0.89 -14.66
C LYS A 66 -10.12 -1.88 -13.60
N SER A 67 -8.80 -2.13 -13.54
CA SER A 67 -8.18 -3.09 -12.59
C SER A 67 -8.33 -2.57 -11.15
N SER A 68 -7.98 -1.30 -10.92
CA SER A 68 -8.08 -0.61 -9.60
C SER A 68 -9.54 -0.23 -9.32
N SER A 69 -9.78 0.45 -8.19
CA SER A 69 -11.11 0.96 -7.77
C SER A 69 -11.36 2.32 -8.44
N ARG A 70 -12.03 2.31 -9.59
CA ARG A 70 -12.28 3.51 -10.43
C ARG A 70 -13.04 4.58 -9.61
N GLU A 71 -13.84 4.13 -8.65
CA GLU A 71 -14.82 4.97 -7.90
C GLU A 71 -14.08 5.69 -6.78
N LEU A 72 -13.13 5.01 -6.13
CA LEU A 72 -12.25 5.61 -5.08
C LEU A 72 -11.34 6.67 -5.69
N CYS A 73 -10.86 6.48 -6.92
CA CYS A 73 -9.98 7.44 -7.64
C CYS A 73 -10.72 8.77 -7.81
N TYR A 74 -11.99 8.73 -8.19
CA TYR A 74 -12.84 9.94 -8.35
C TYR A 74 -12.85 10.71 -7.03
N ILE A 75 -12.95 9.99 -5.90
CA ILE A 75 -12.95 10.58 -4.53
C ILE A 75 -11.55 11.14 -4.23
N ILE A 76 -10.49 10.44 -4.64
CA ILE A 76 -9.09 10.90 -4.43
C ILE A 76 -8.86 12.18 -5.26
N LEU A 77 -9.44 12.26 -6.45
CA LEU A 77 -9.22 13.38 -7.41
C LEU A 77 -10.05 14.59 -6.95
N ALA A 78 -11.28 14.36 -6.49
CA ALA A 78 -12.12 15.40 -5.85
C ALA A 78 -11.33 16.01 -4.68
N GLY A 79 -10.70 15.16 -3.87
CA GLY A 79 -9.89 15.60 -2.71
C GLY A 79 -8.77 16.52 -3.15
N ILE A 80 -8.00 16.10 -4.16
CA ILE A 80 -6.87 16.86 -4.75
C ILE A 80 -7.42 18.21 -5.27
N CYS A 81 -8.46 18.14 -6.09
CA CYS A 81 -9.19 19.29 -6.69
C CYS A 81 -9.51 20.32 -5.60
N LEU A 82 -10.29 19.91 -4.61
CA LEU A 82 -10.72 20.73 -3.44
C LEU A 82 -9.48 21.25 -2.68
N GLY A 83 -8.38 20.48 -2.65
CA GLY A 83 -7.09 20.93 -2.07
C GLY A 83 -6.57 22.18 -2.77
N TYR A 84 -6.62 22.20 -4.10
CA TYR A 84 -6.20 23.36 -4.93
C TYR A 84 -7.22 24.50 -4.75
N LEU A 85 -8.52 24.19 -4.63
CA LEU A 85 -9.61 25.19 -4.48
C LEU A 85 -9.50 25.95 -3.15
N CYS A 86 -8.87 25.35 -2.13
CA CYS A 86 -8.61 25.98 -0.81
C CYS A 86 -7.93 27.35 -1.01
N THR A 87 -7.04 27.48 -1.99
CA THR A 87 -6.25 28.73 -2.17
C THR A 87 -7.22 29.88 -2.45
N PHE A 88 -8.39 29.59 -3.04
CA PHE A 88 -9.44 30.59 -3.38
C PHE A 88 -10.31 30.96 -2.18
N LEU A 90 -8.45 31.00 0.92
CA LEU A 90 -7.35 31.55 1.72
C LEU A 90 -6.89 32.89 1.15
N ILE A 91 -6.80 32.99 -0.17
CA ILE A 91 -6.63 34.27 -0.94
C ILE A 91 -8.01 34.69 -1.43
N ALA A 92 -8.77 35.42 -0.61
CA ALA A 92 -10.20 35.74 -0.89
C ALA A 92 -10.57 37.13 -0.37
N LYS A 93 -11.65 37.68 -0.92
CA LYS A 93 -12.32 38.93 -0.44
C LYS A 93 -12.93 38.66 0.93
N PRO A 94 -12.86 39.61 1.90
CA PRO A 94 -13.49 39.40 3.21
C PRO A 94 -15.02 39.24 3.13
N LYS A 95 -15.46 37.98 3.02
CA LYS A 95 -16.88 37.55 3.14
C LYS A 95 -16.95 36.41 4.16
N GLN A 96 -18.09 36.28 4.84
CA GLN A 96 -18.26 35.36 6.01
C GLN A 96 -18.04 33.90 5.58
N ILE A 97 -18.69 33.46 4.49
CA ILE A 97 -18.71 32.03 4.02
C ILE A 97 -17.29 31.54 3.70
N TYR A 98 -16.36 32.41 3.31
CA TYR A 98 -14.99 32.00 2.86
C TYR A 98 -14.18 31.50 4.07
N CYS A 99 -14.48 31.98 5.28
CA CYS A 99 -13.96 31.43 6.57
C CYS A 99 -14.55 30.04 6.83
N TYR A 100 -15.80 29.81 6.39
CA TYR A 100 -16.49 28.51 6.49
C TYR A 100 -15.85 27.52 5.51
N LEU A 101 -15.61 27.97 4.27
CA LEU A 101 -15.06 27.13 3.18
C LEU A 101 -13.57 26.84 3.46
N GLN A 102 -12.82 27.83 3.96
CA GLN A 102 -11.40 27.63 4.42
C GLN A 102 -11.30 26.36 5.27
N ARG A 103 -12.12 26.29 6.33
CA ARG A 103 -12.11 25.24 7.37
C ARG A 103 -12.62 23.92 6.79
N ILE A 104 -13.64 23.96 5.93
CA ILE A 104 -14.11 22.76 5.18
C ILE A 104 -12.95 22.26 4.32
N GLY A 105 -12.46 23.11 3.40
CA GLY A 105 -11.43 22.75 2.42
C GLY A 105 -10.17 22.21 3.06
N ILE A 106 -9.58 22.93 4.01
CA ILE A 106 -8.24 22.61 4.59
C ILE A 106 -8.33 21.33 5.43
N GLY A 107 -9.53 20.94 5.87
CA GLY A 107 -9.75 19.75 6.71
C GLY A 107 -10.32 18.59 5.92
N LEU A 108 -11.22 18.86 4.98
CA LEU A 108 -12.03 17.82 4.28
C LEU A 108 -11.33 17.34 2.99
N SER A 109 -10.51 18.18 2.35
CA SER A 109 -9.81 17.81 1.10
C SER A 109 -8.82 16.66 1.35
N PRO A 110 -7.98 16.70 2.41
CA PRO A 110 -7.06 15.60 2.69
C PRO A 110 -7.83 14.35 3.16
N ALA A 111 -8.93 14.58 3.88
CA ALA A 111 -9.82 13.55 4.44
C ALA A 111 -10.46 12.77 3.29
N MET A 112 -10.82 13.44 2.20
CA MET A 112 -11.38 12.78 0.98
C MET A 112 -10.31 11.91 0.33
N SER A 113 -9.11 12.45 0.12
CA SER A 113 -7.99 11.75 -0.57
C SER A 113 -7.56 10.52 0.24
N TYR A 114 -7.37 10.66 1.54
CA TYR A 114 -6.70 9.64 2.40
C TYR A 114 -7.71 8.64 2.96
N SER A 115 -8.99 9.02 3.10
CA SER A 115 -10.10 8.10 3.47
C SER A 115 -10.25 7.07 2.35
N ALA A 116 -10.34 7.54 1.11
CA ALA A 116 -10.36 6.72 -0.12
C ALA A 116 -9.08 5.86 -0.16
N LEU A 117 -7.93 6.50 0.03
CA LEU A 117 -6.61 5.83 -0.11
C LEU A 117 -6.46 4.73 0.95
N VAL A 118 -6.77 5.02 2.23
CA VAL A 118 -6.64 4.05 3.35
C VAL A 118 -7.55 2.84 3.08
N THR A 119 -8.77 3.08 2.56
CA THR A 119 -9.72 2.02 2.12
C THR A 119 -9.05 1.14 1.05
N LYS A 120 -8.37 1.77 0.09
CA LYS A 120 -7.69 1.07 -1.03
C LYS A 120 -6.52 0.24 -0.47
N THR A 121 -5.70 0.82 0.42
CA THR A 121 -4.47 0.19 0.95
C THR A 121 -4.84 -0.93 1.94
N TYR A 122 -5.88 -0.73 2.76
CA TYR A 122 -6.35 -1.74 3.73
C TYR A 122 -6.77 -2.99 2.96
N ARG A 123 -7.54 -2.80 1.87
CA ARG A 123 -8.05 -3.90 1.00
C ARG A 123 -6.88 -4.62 0.33
N ALA A 124 -5.87 -3.91 -0.17
CA ALA A 124 -4.64 -4.50 -0.73
C ALA A 124 -3.97 -5.39 0.33
N ALA A 125 -3.98 -4.97 1.60
CA ALA A 125 -3.32 -5.65 2.74
C ALA A 125 -4.08 -6.92 3.13
N ARG A 126 -5.41 -6.87 3.15
CA ARG A 126 -6.30 -8.03 3.43
C ARG A 126 -6.18 -9.04 2.27
N ILE A 127 -6.08 -8.55 1.04
CA ILE A 127 -5.88 -9.40 -0.18
C ILE A 127 -4.50 -10.08 -0.09
N LEU A 128 -3.47 -9.34 0.33
CA LEU A 128 -2.10 -9.86 0.52
C LEU A 128 -2.12 -10.94 1.60
N ALA A 129 -2.73 -10.66 2.74
CA ALA A 129 -2.85 -11.60 3.88
C ALA A 129 -3.46 -12.92 3.39
N MET A 130 -4.62 -12.85 2.71
CA MET A 130 -5.41 -14.01 2.22
C MET A 130 -4.65 -14.77 1.12
N SER A 131 -3.79 -14.07 0.37
CA SER A 131 -2.85 -14.66 -0.61
C SER A 131 -1.81 -15.52 0.11
N LYS A 132 -1.26 -15.05 1.22
CA LYS A 132 -0.19 -15.74 1.98
C LYS A 132 -0.78 -16.97 2.67
N LYS A 133 -2.10 -16.98 2.91
CA LYS A 133 -2.78 -18.07 3.64
C LYS A 133 -2.73 -19.35 2.78
N ASN A 134 -2.88 -19.25 1.46
CA ASN A 134 -2.85 -20.40 0.51
C ASN A 134 -1.48 -21.08 0.55
N ILE A 135 -0.40 -20.31 0.43
CA ILE A 135 1.01 -20.82 0.50
C ILE A 135 1.13 -21.64 1.79
N PHE A 136 0.63 -21.09 2.89
CA PHE A 136 0.74 -21.67 4.26
C PHE A 136 -0.01 -23.01 4.29
N GLU A 137 -1.23 -23.05 3.74
CA GLU A 137 -2.09 -24.27 3.70
C GLU A 137 -1.40 -25.31 2.82
N MET A 138 -0.89 -24.88 1.67
CA MET A 138 -0.09 -25.74 0.74
C MET A 138 0.97 -26.49 1.56
N LEU A 139 1.83 -25.77 2.27
CA LEU A 139 3.04 -26.36 2.92
C LEU A 139 2.69 -27.04 4.24
N ARG A 140 1.57 -26.68 4.87
CA ARG A 140 1.02 -27.42 6.04
C ARG A 140 0.77 -28.87 5.60
N ILE A 141 0.10 -29.04 4.45
CA ILE A 141 -0.26 -30.35 3.82
C ILE A 141 1.03 -31.06 3.35
N ASP A 142 1.99 -30.32 2.82
CA ASP A 142 3.16 -30.92 2.11
C ASP A 142 4.26 -31.26 3.11
N GLU A 143 4.48 -30.42 4.11
CA GLU A 143 5.71 -30.48 4.95
C GLU A 143 5.33 -30.75 6.43
N GLY A 144 4.13 -30.32 6.85
CA GLY A 144 3.68 -30.45 8.24
C GLY A 144 3.88 -29.18 9.05
N LEU A 145 3.78 -29.32 10.37
CA LEU A 145 3.47 -28.25 11.36
C LEU A 145 3.58 -28.91 12.74
N ARG A 146 4.42 -28.40 13.64
CA ARG A 146 4.34 -28.76 15.09
C ARG A 146 4.02 -27.48 15.87
N LEU A 147 3.03 -27.55 16.76
CA LEU A 147 2.51 -26.38 17.52
C LEU A 147 3.30 -26.22 18.82
N LYS A 148 4.18 -27.16 19.16
CA LYS A 148 5.10 -27.02 20.32
C LYS A 148 6.54 -27.14 19.83
N ILE A 149 7.47 -26.52 20.56
CA ILE A 149 8.91 -26.41 20.20
C ILE A 149 9.45 -27.83 19.94
N TYR A 150 10.33 -27.94 18.94
CA TYR A 150 11.11 -29.15 18.60
C TYR A 150 12.46 -28.72 18.03
N LYS A 151 13.29 -29.69 17.63
CA LYS A 151 14.61 -29.43 16.98
C LYS A 151 14.56 -29.99 15.55
N ASP A 152 15.23 -29.30 14.61
CA ASP A 152 15.55 -29.86 13.26
C ASP A 152 16.66 -30.89 13.46
N THR A 153 17.11 -31.55 12.37
CA THR A 153 18.07 -32.69 12.41
C THR A 153 19.48 -32.21 12.79
N GLU A 154 19.77 -30.91 12.63
CA GLU A 154 20.95 -30.23 13.20
C GLU A 154 20.89 -30.32 14.74
N GLY A 155 19.78 -29.87 15.34
CA GLY A 155 19.53 -29.86 16.80
C GLY A 155 19.09 -28.51 17.35
N TYR A 156 18.76 -27.53 16.49
CA TYR A 156 18.41 -26.14 16.86
C TYR A 156 16.89 -25.99 17.01
N TYR A 157 16.46 -25.25 18.04
CA TYR A 157 15.04 -25.07 18.46
C TYR A 157 14.24 -24.44 17.32
N THR A 158 13.11 -25.08 17.01
CA THR A 158 12.27 -24.85 15.81
C THR A 158 10.79 -24.99 16.23
N ILE A 159 9.87 -24.38 15.50
CA ILE A 159 8.41 -24.51 15.76
C ILE A 159 7.63 -24.23 14.47
N GLY A 160 6.35 -24.63 14.41
CA GLY A 160 5.47 -24.48 13.24
C GLY A 160 6.01 -25.25 12.04
N ILE A 161 6.00 -24.59 10.87
CA ILE A 161 6.55 -25.14 9.60
C ILE A 161 8.05 -24.83 9.56
N GLY A 162 8.85 -25.58 10.29
CA GLY A 162 10.31 -25.47 10.29
C GLY A 162 10.80 -24.05 10.52
N HIS A 163 10.12 -23.28 11.38
CA HIS A 163 10.55 -21.90 11.78
C HIS A 163 11.63 -21.99 12.86
N LEU A 164 12.82 -21.47 12.55
CA LEU A 164 14.01 -21.43 13.44
C LEU A 164 13.80 -20.31 14.48
N LEU A 165 14.02 -20.62 15.76
CA LEU A 165 13.88 -19.68 16.90
C LEU A 165 15.26 -19.18 17.33
N THR A 166 16.16 -20.05 17.80
CA THR A 166 17.56 -19.72 18.17
C THR A 166 18.50 -20.90 17.86
N LYS A 167 19.80 -20.60 17.80
CA LYS A 167 20.91 -21.57 17.62
C LYS A 167 21.58 -21.83 18.99
N SER A 168 20.98 -21.33 20.08
CA SER A 168 21.47 -21.50 21.48
C SER A 168 20.96 -22.83 22.05
N PRO A 169 21.82 -23.63 22.73
CA PRO A 169 21.37 -24.85 23.40
C PRO A 169 20.30 -24.67 24.50
N SER A 170 20.02 -23.42 24.92
CA SER A 170 19.02 -23.08 25.96
C SER A 170 17.59 -23.17 25.39
N LEU A 171 16.75 -24.04 25.97
CA LEU A 171 15.31 -24.14 25.63
C LEU A 171 14.60 -22.86 26.08
N ASN A 172 15.08 -22.25 27.18
CA ASN A 172 14.55 -20.97 27.72
C ASN A 172 14.76 -19.85 26.70
N ALA A 173 15.93 -19.78 26.07
CA ALA A 173 16.25 -18.84 24.97
C ALA A 173 15.21 -18.98 23.85
N ALA A 174 14.93 -20.24 23.45
CA ALA A 174 13.92 -20.60 22.42
C ALA A 174 12.56 -20.06 22.84
N LYS A 175 12.15 -20.34 24.08
CA LYS A 175 10.86 -19.84 24.65
C LYS A 175 10.89 -18.31 24.66
N SER A 176 11.99 -17.73 25.14
CA SER A 176 12.25 -16.27 25.18
C SER A 176 12.00 -15.64 23.80
N GLU A 177 12.74 -16.09 22.78
CA GLU A 177 12.67 -15.55 21.39
C GLU A 177 11.29 -15.85 20.76
N LEU A 178 10.66 -16.98 21.13
CA LEU A 178 9.30 -17.32 20.65
C LEU A 178 8.32 -16.25 21.18
N ASP A 179 8.29 -16.05 22.50
CA ASP A 179 7.40 -15.08 23.20
C ASP A 179 7.52 -13.71 22.53
N LYS A 180 8.75 -13.24 22.28
CA LYS A 180 9.05 -11.98 21.55
C LYS A 180 8.40 -12.03 20.15
N ALA A 181 8.58 -13.15 19.44
CA ALA A 181 8.13 -13.35 18.05
C ALA A 181 6.60 -13.29 17.97
N ILE A 182 5.88 -13.76 19.00
CA ILE A 182 4.38 -13.87 18.99
C ILE A 182 3.77 -12.68 19.75
N GLY A 183 4.29 -12.38 20.93
CA GLY A 183 3.84 -11.25 21.78
C GLY A 183 2.89 -11.70 22.88
N ARG A 184 3.08 -12.92 23.38
CA ARG A 184 2.49 -13.40 24.66
C ARG A 184 3.43 -14.47 25.22
N ASN A 185 3.27 -14.83 26.50
CA ASN A 185 3.96 -16.01 27.07
C ASN A 185 3.23 -17.24 26.50
N THR A 186 3.91 -17.95 25.60
CA THR A 186 3.39 -19.11 24.84
C THR A 186 3.63 -20.40 25.64
N ASN A 187 4.65 -20.41 26.52
CA ASN A 187 5.15 -21.61 27.24
C ASN A 187 5.54 -22.66 26.19
N GLY A 188 6.13 -22.20 25.08
CA GLY A 188 6.66 -23.03 23.99
C GLY A 188 5.58 -23.65 23.12
N VAL A 189 4.34 -23.15 23.20
CA VAL A 189 3.18 -23.74 22.47
C VAL A 189 2.38 -22.62 21.80
N ILE A 190 2.03 -22.81 20.54
CA ILE A 190 1.39 -21.76 19.68
C ILE A 190 0.16 -22.35 19.01
N THR A 191 -0.55 -21.54 18.23
CA THR A 191 -1.75 -21.92 17.42
C THR A 191 -1.41 -21.93 15.93
N LYS A 192 -2.33 -22.42 15.12
CA LYS A 192 -2.22 -22.48 13.64
C LYS A 192 -1.94 -21.07 13.10
N ASP A 193 -2.57 -20.04 13.68
CA ASP A 193 -2.55 -18.65 13.17
C ASP A 193 -1.22 -17.97 13.52
N GLU A 194 -0.62 -18.35 14.66
CA GLU A 194 0.72 -17.85 15.09
C GLU A 194 1.82 -18.57 14.29
N ALA A 195 1.57 -19.79 13.82
CA ALA A 195 2.49 -20.54 12.92
C ALA A 195 2.43 -19.94 11.52
N GLU A 196 1.22 -19.51 11.10
CA GLU A 196 0.99 -18.80 9.81
C GLU A 196 1.82 -17.52 9.83
N LYS A 197 1.63 -16.70 10.86
CA LYS A 197 2.39 -15.46 11.13
C LYS A 197 3.90 -15.74 10.96
N LEU A 198 4.42 -16.75 11.66
CA LEU A 198 5.86 -17.11 11.61
C LEU A 198 6.26 -17.57 10.20
N PHE A 199 5.40 -18.33 9.52
CA PHE A 199 5.67 -18.91 8.18
C PHE A 199 5.88 -17.78 7.16
N ASN A 200 5.16 -16.66 7.33
CA ASN A 200 5.18 -15.48 6.43
C ASN A 200 6.55 -14.79 6.46
N GLN A 201 7.27 -14.85 7.59
CA GLN A 201 8.69 -14.41 7.68
C GLN A 201 9.55 -15.34 6.84
N ASP A 202 9.33 -16.66 6.97
CA ASP A 202 10.12 -17.71 6.29
C ASP A 202 9.87 -17.65 4.76
N VAL A 203 8.64 -17.33 4.33
CA VAL A 203 8.30 -17.17 2.88
C VAL A 203 9.09 -15.98 2.34
N ASP A 204 8.94 -14.81 2.98
CA ASP A 204 9.60 -13.54 2.61
C ASP A 204 11.11 -13.80 2.53
N ALA A 205 11.69 -14.46 3.54
CA ALA A 205 13.11 -14.89 3.57
C ALA A 205 13.43 -15.68 2.29
N ALA A 206 12.72 -16.79 2.07
CA ALA A 206 12.90 -17.69 0.91
C ALA A 206 12.76 -16.92 -0.41
N VAL A 207 11.81 -15.97 -0.52
CA VAL A 207 11.54 -15.18 -1.76
C VAL A 207 12.68 -14.17 -1.99
N ARG A 208 13.33 -13.70 -0.92
CA ARG A 208 14.54 -12.84 -1.00
C ARG A 208 15.70 -13.67 -1.59
N GLY A 209 15.96 -14.86 -1.04
CA GLY A 209 16.98 -15.79 -1.55
C GLY A 209 16.81 -16.02 -3.05
N ILE A 210 15.56 -16.22 -3.49
CA ILE A 210 15.15 -16.52 -4.89
C ILE A 210 15.55 -15.35 -5.78
N LEU A 211 15.24 -14.12 -5.37
CA LEU A 211 15.48 -12.88 -6.16
C LEU A 211 16.96 -12.48 -6.09
N ARG A 212 17.72 -13.02 -5.13
CA ARG A 212 19.21 -12.86 -5.04
C ARG A 212 19.90 -13.94 -5.89
N ASN A 213 19.13 -14.87 -6.48
CA ASN A 213 19.64 -16.10 -7.15
C ASN A 213 19.33 -16.03 -8.65
N ALA A 214 20.38 -15.99 -9.47
CA ALA A 214 20.35 -15.65 -10.91
C ALA A 214 19.64 -16.74 -11.73
N LYS A 215 19.66 -17.99 -11.26
CA LYS A 215 19.02 -19.16 -11.92
C LYS A 215 17.51 -19.13 -11.69
N LEU A 216 17.08 -18.82 -10.47
CA LEU A 216 15.66 -18.92 -10.02
C LEU A 216 14.92 -17.60 -10.31
N LYS A 217 15.63 -16.46 -10.26
CA LYS A 217 15.04 -15.10 -10.30
C LYS A 217 14.14 -14.93 -11.54
N PRO A 218 14.60 -15.28 -12.76
CA PRO A 218 13.82 -15.03 -13.97
C PRO A 218 12.55 -15.88 -14.08
N VAL A 219 12.56 -17.05 -13.44
CA VAL A 219 11.45 -18.06 -13.48
C VAL A 219 10.34 -17.56 -12.56
N TYR A 220 10.69 -17.19 -11.32
CA TYR A 220 9.77 -16.65 -10.28
C TYR A 220 9.09 -15.39 -10.83
N ASP A 221 9.86 -14.53 -11.50
CA ASP A 221 9.37 -13.30 -12.18
C ASP A 221 8.26 -13.67 -13.15
N SER A 222 8.51 -14.66 -14.02
CA SER A 222 7.58 -15.11 -15.09
C SER A 222 6.24 -15.58 -14.53
N LEU A 223 6.29 -16.40 -13.46
CA LEU A 223 5.17 -17.24 -12.97
C LEU A 223 4.08 -16.40 -12.30
N ASP A 224 2.81 -16.78 -12.47
CA ASP A 224 1.65 -16.26 -11.70
C ASP A 224 1.80 -16.66 -10.23
N ALA A 225 1.01 -16.04 -9.33
CA ALA A 225 1.04 -16.23 -7.86
C ALA A 225 1.04 -17.72 -7.49
N VAL A 226 0.17 -18.53 -8.12
CA VAL A 226 -0.08 -19.96 -7.78
C VAL A 226 1.19 -20.78 -8.05
N ARG A 227 1.83 -20.57 -9.21
CA ARG A 227 3.03 -21.35 -9.63
C ARG A 227 4.27 -20.85 -8.87
N ARG A 228 4.22 -19.65 -8.30
CA ARG A 228 5.30 -19.14 -7.39
C ARG A 228 5.26 -19.93 -6.07
N ALA A 229 4.04 -20.23 -5.60
CA ALA A 229 3.75 -21.05 -4.40
C ALA A 229 4.40 -22.42 -4.58
N ALA A 230 4.22 -23.01 -5.76
CA ALA A 230 4.83 -24.29 -6.18
C ALA A 230 6.36 -24.20 -6.13
N LEU A 231 6.97 -23.13 -6.66
CA LEU A 231 8.45 -23.00 -6.70
C LEU A 231 9.00 -22.81 -5.27
N ILE A 232 8.33 -21.99 -4.45
CA ILE A 232 8.71 -21.72 -3.03
C ILE A 232 8.67 -23.05 -2.26
N ASN A 233 7.68 -23.89 -2.56
CA ASN A 233 7.48 -25.23 -1.97
C ASN A 233 8.76 -26.06 -2.18
N MET A 234 9.22 -26.15 -3.43
CA MET A 234 10.41 -26.94 -3.85
C MET A 234 11.64 -26.39 -3.13
N VAL A 235 11.79 -25.06 -3.13
CA VAL A 235 12.87 -24.33 -2.43
C VAL A 235 12.85 -24.74 -0.95
N PHE A 236 11.67 -24.74 -0.31
CA PHE A 236 11.48 -25.13 1.11
C PHE A 236 11.91 -26.59 1.34
N GLN A 237 11.82 -27.46 0.32
CA GLN A 237 12.16 -28.91 0.42
C GLN A 237 13.66 -29.16 0.16
N MET A 238 14.24 -28.58 -0.90
CA MET A 238 15.61 -28.92 -1.38
C MET A 238 16.56 -27.74 -1.24
N GLY A 239 16.08 -26.55 -0.86
CA GLY A 239 16.90 -25.32 -0.83
C GLY A 239 17.11 -24.77 -2.23
N GLU A 240 17.79 -23.62 -2.33
CA GLU A 240 17.99 -22.85 -3.58
C GLU A 240 18.88 -23.64 -4.54
N THR A 241 20.07 -24.06 -4.09
CA THR A 241 21.11 -24.75 -4.92
C THR A 241 20.51 -26.05 -5.49
N GLY A 242 19.62 -26.70 -4.74
CA GLY A 242 18.92 -27.94 -5.14
C GLY A 242 17.93 -27.70 -6.27
N VAL A 243 17.12 -26.64 -6.19
CA VAL A 243 16.06 -26.29 -7.20
C VAL A 243 16.74 -25.81 -8.49
N ALA A 244 17.97 -25.29 -8.40
CA ALA A 244 18.80 -24.81 -9.54
C ALA A 244 19.28 -26.00 -10.37
N GLY A 245 19.32 -27.20 -9.77
CA GLY A 245 19.55 -28.48 -10.46
C GLY A 245 18.65 -28.65 -11.67
N PHE A 246 17.35 -28.34 -11.53
CA PHE A 246 16.29 -28.59 -12.54
C PHE A 246 16.35 -27.54 -13.67
N THR A 247 17.54 -27.29 -14.23
CA THR A 247 17.82 -26.27 -15.28
C THR A 247 16.79 -26.31 -16.41
N ASN A 248 16.57 -27.48 -17.00
CA ASN A 248 15.67 -27.70 -18.17
C ASN A 248 14.22 -27.46 -17.74
N SER A 249 13.79 -28.15 -16.68
CA SER A 249 12.42 -28.04 -16.11
C SER A 249 12.12 -26.56 -15.81
N LEU A 250 13.07 -25.85 -15.22
CA LEU A 250 12.97 -24.40 -14.89
C LEU A 250 12.74 -23.57 -16.16
N ARG A 251 13.50 -23.85 -17.23
CA ARG A 251 13.41 -23.09 -18.51
C ARG A 251 12.05 -23.37 -19.16
N MET A 252 11.59 -24.63 -19.12
CA MET A 252 10.27 -25.04 -19.70
C MET A 252 9.15 -24.20 -19.08
N LEU A 253 9.23 -23.95 -17.77
CA LEU A 253 8.18 -23.24 -16.98
C LEU A 253 8.20 -21.76 -17.35
N GLN A 254 9.41 -21.20 -17.50
CA GLN A 254 9.62 -19.80 -17.93
C GLN A 254 8.86 -19.56 -19.24
N GLN A 255 9.01 -20.47 -20.21
CA GLN A 255 8.34 -20.41 -21.55
C GLN A 255 6.87 -20.80 -21.43
N LYS A 256 6.37 -21.02 -20.21
CA LYS A 256 4.95 -21.33 -19.90
C LYS A 256 4.56 -22.66 -20.57
N ARG A 257 5.53 -23.59 -20.69
CA ARG A 257 5.32 -24.94 -21.28
C ARG A 257 5.00 -25.92 -20.14
N TRP A 258 3.77 -25.85 -19.63
CA TRP A 258 3.32 -26.49 -18.36
C TRP A 258 3.40 -28.01 -18.52
N ASP A 259 2.67 -28.55 -19.50
CA ASP A 259 2.51 -30.00 -19.76
C ASP A 259 3.89 -30.68 -19.89
N GLU A 260 4.87 -30.00 -20.51
CA GLU A 260 6.24 -30.57 -20.76
C GLU A 260 7.11 -30.47 -19.51
N ALA A 261 6.92 -29.42 -18.69
CA ALA A 261 7.65 -29.21 -17.43
C ALA A 261 7.28 -30.33 -16.45
N ALA A 262 5.99 -30.66 -16.41
CA ALA A 262 5.41 -31.75 -15.59
C ALA A 262 6.05 -33.09 -15.99
N VAL A 263 6.07 -33.37 -17.29
CA VAL A 263 6.61 -34.63 -17.87
C VAL A 263 8.07 -34.81 -17.41
N ASN A 264 8.83 -33.72 -17.45
CA ASN A 264 10.28 -33.70 -17.16
C ASN A 264 10.50 -33.89 -15.65
N LEU A 265 9.82 -33.09 -14.84
CA LEU A 265 9.93 -33.12 -13.36
C LEU A 265 9.52 -34.52 -12.84
N ALA A 266 8.56 -35.16 -13.51
CA ALA A 266 8.05 -36.51 -13.17
C ALA A 266 9.14 -37.59 -13.41
N LYS A 267 10.27 -37.23 -14.02
CA LYS A 267 11.42 -38.14 -14.25
C LYS A 267 12.47 -37.98 -13.14
N SER A 268 12.33 -36.97 -12.27
CA SER A 268 13.40 -36.53 -11.34
C SER A 268 13.61 -37.56 -10.22
N ARG A 269 14.80 -37.50 -9.62
CA ARG A 269 15.16 -38.21 -8.35
C ARG A 269 14.21 -37.70 -7.25
N TRP A 270 13.89 -36.39 -7.29
CA TRP A 270 12.89 -35.70 -6.43
C TRP A 270 11.54 -36.43 -6.46
N TYR A 271 11.01 -36.72 -7.64
CA TYR A 271 9.69 -37.36 -7.80
C TYR A 271 9.77 -38.79 -7.26
N ASN A 272 10.91 -39.47 -7.46
CA ASN A 272 11.08 -40.90 -7.11
C ASN A 272 11.37 -41.03 -5.60
N GLN A 273 11.90 -40.00 -4.96
CA GLN A 273 12.25 -40.01 -3.51
C GLN A 273 11.07 -39.55 -2.63
N THR A 274 10.30 -38.54 -3.04
CA THR A 274 9.06 -38.06 -2.35
C THR A 274 7.93 -37.93 -3.37
N PRO A 275 7.41 -39.06 -3.92
CA PRO A 275 6.39 -39.03 -4.98
C PRO A 275 5.04 -38.36 -4.65
N ASN A 276 4.59 -38.47 -3.40
CA ASN A 276 3.28 -37.95 -2.96
C ASN A 276 3.28 -36.41 -3.03
N ARG A 277 4.26 -35.77 -2.40
CA ARG A 277 4.42 -34.29 -2.38
C ARG A 277 4.72 -33.77 -3.79
N ALA A 278 5.57 -34.48 -4.54
CA ALA A 278 6.03 -34.08 -5.89
C ALA A 278 4.85 -34.05 -6.88
N LYS A 279 4.00 -35.08 -6.83
CA LYS A 279 2.79 -35.18 -7.68
C LYS A 279 1.97 -33.88 -7.53
N ARG A 280 1.80 -33.40 -6.30
CA ARG A 280 0.92 -32.24 -5.96
C ARG A 280 1.55 -30.93 -6.47
N VAL A 281 2.84 -30.73 -6.20
CA VAL A 281 3.61 -29.53 -6.65
C VAL A 281 3.61 -29.48 -8.18
N ILE A 282 3.88 -30.62 -8.81
CA ILE A 282 3.95 -30.78 -10.30
C ILE A 282 2.58 -30.42 -10.88
N THR A 283 1.50 -31.04 -10.38
CA THR A 283 0.11 -30.82 -10.85
C THR A 283 -0.24 -29.34 -10.79
N THR A 284 0.34 -28.60 -9.84
CA THR A 284 0.05 -27.16 -9.57
C THR A 284 0.79 -26.31 -10.61
N PHE A 285 1.96 -26.77 -11.06
CA PHE A 285 2.73 -26.17 -12.18
C PHE A 285 1.97 -26.36 -13.51
N ARG A 286 1.16 -27.42 -13.64
CA ARG A 286 0.43 -27.75 -14.90
C ARG A 286 -0.79 -26.83 -15.05
N THR A 287 -1.61 -26.75 -14.00
CA THR A 287 -2.98 -26.16 -14.03
C THR A 287 -2.90 -24.68 -13.67
N GLY A 288 -1.89 -24.28 -12.88
CA GLY A 288 -1.83 -22.96 -12.23
C GLY A 288 -2.97 -22.76 -11.25
N THR A 289 -3.59 -23.86 -10.79
CA THR A 289 -4.71 -23.86 -9.82
C THR A 289 -4.27 -24.53 -8.51
N TRP A 290 -5.16 -24.54 -7.53
CA TRP A 290 -4.97 -25.16 -6.20
C TRP A 290 -5.60 -26.55 -6.17
N ASP A 291 -6.18 -27.01 -7.29
CA ASP A 291 -7.04 -28.21 -7.35
C ASP A 291 -6.38 -29.41 -6.63
N ALA A 292 -5.05 -29.48 -6.57
CA ALA A 292 -4.30 -30.62 -6.01
C ALA A 292 -4.31 -30.60 -4.48
N TYR A 293 -4.69 -29.46 -3.87
CA TYR A 293 -4.68 -29.21 -2.41
C TYR A 293 -6.11 -29.00 -1.88
N LYS A 294 -6.27 -29.01 -0.57
CA LYS A 294 -7.57 -28.84 0.15
C LYS A 294 -7.98 -27.35 0.17
N ILE A 295 -7.15 -26.45 -0.38
CA ILE A 295 -7.49 -25.01 -0.61
C ILE A 295 -6.29 -24.32 -1.26
N MET A 303 -13.61 -8.52 -0.93
CA MET A 303 -13.82 -7.45 0.09
C MET A 303 -14.73 -6.34 -0.47
N SER A 304 -15.73 -6.71 -1.29
CA SER A 304 -16.83 -5.84 -1.82
C SER A 304 -16.26 -4.64 -2.59
N ALA A 305 -17.14 -3.84 -3.19
CA ALA A 305 -16.82 -2.63 -4.01
C ALA A 305 -17.61 -1.42 -3.51
N ALA A 307 -18.92 -1.42 -0.67
CA ALA A 307 -18.46 -1.32 0.70
C ALA A 307 -17.43 -0.19 0.84
N GLN A 308 -16.51 -0.10 -0.11
CA GLN A 308 -15.35 0.83 -0.08
C GLN A 308 -15.83 2.28 -0.18
N LEU A 309 -16.83 2.53 -1.01
CA LEU A 309 -17.49 3.87 -1.14
C LEU A 309 -18.12 4.25 0.21
N VAL A 310 -18.91 3.35 0.80
CA VAL A 310 -19.63 3.58 2.09
C VAL A 310 -18.59 3.81 3.20
N ILE A 311 -17.57 2.96 3.33
CA ILE A 311 -16.48 3.13 4.34
C ILE A 311 -15.76 4.47 4.09
N ALA A 312 -15.41 4.78 2.84
CA ALA A 312 -14.71 6.03 2.48
C ALA A 312 -15.58 7.22 2.89
N PHE A 313 -16.88 7.16 2.56
CA PHE A 313 -17.92 8.20 2.85
C PHE A 313 -18.06 8.41 4.37
N ILE A 314 -18.10 7.34 5.15
CA ILE A 314 -18.12 7.37 6.66
C ILE A 314 -16.85 8.06 7.15
N LEU A 315 -15.68 7.57 6.75
CA LEU A 315 -14.38 8.12 7.20
C LEU A 315 -14.35 9.62 6.89
N ILE A 316 -15.08 10.07 5.87
CA ILE A 316 -15.10 11.50 5.43
C ILE A 316 -16.11 12.27 6.28
N CYS A 317 -17.25 11.69 6.63
CA CYS A 317 -18.32 12.32 7.47
C CYS A 317 -17.80 12.53 8.91
N ILE A 318 -16.94 11.64 9.39
CA ILE A 318 -16.20 11.82 10.67
C ILE A 318 -15.48 13.18 10.62
N GLN A 319 -14.77 13.47 9.53
CA GLN A 319 -14.01 14.73 9.41
C GLN A 319 -15.00 15.89 9.33
N LEU A 320 -16.12 15.72 8.63
CA LEU A 320 -17.20 16.75 8.55
C LEU A 320 -17.75 16.99 9.96
N GLY A 321 -18.11 15.93 10.70
CA GLY A 321 -18.53 16.02 12.10
C GLY A 321 -17.60 16.90 12.91
N ILE A 322 -16.28 16.64 12.84
CA ILE A 322 -15.24 17.42 13.58
C ILE A 322 -15.35 18.90 13.17
N ILE A 323 -15.45 19.20 11.88
CA ILE A 323 -15.45 20.60 11.38
C ILE A 323 -16.75 21.30 11.81
N VAL A 324 -17.89 20.61 11.72
CA VAL A 324 -19.24 21.19 12.01
C VAL A 324 -19.31 21.42 13.52
N ALA A 325 -18.83 20.46 14.32
CA ALA A 325 -18.73 20.60 15.78
C ALA A 325 -18.01 21.92 16.10
N LEU A 326 -16.83 22.12 15.52
CA LEU A 326 -15.96 23.31 15.78
C LEU A 326 -16.63 24.59 15.28
N PHE A 327 -17.45 24.51 14.22
CA PHE A 327 -18.25 25.65 13.68
C PHE A 327 -19.23 26.16 14.75
N ILE A 328 -19.67 25.29 15.65
CA ILE A 328 -20.60 25.64 16.75
C ILE A 328 -19.79 26.12 17.95
N MET A 329 -18.78 25.36 18.38
CA MET A 329 -17.87 25.75 19.51
C MET A 329 -17.24 27.12 19.24
N GLU A 330 -16.66 27.31 18.05
CA GLU A 330 -15.87 28.52 17.68
C GLU A 330 -16.32 29.03 16.32
N PRO A 331 -17.54 29.63 16.21
CA PRO A 331 -18.09 30.02 14.92
C PRO A 331 -17.11 30.79 14.04
N PRO A 332 -17.08 30.54 12.71
CA PRO A 332 -16.19 31.29 11.82
C PRO A 332 -16.53 32.79 11.79
N ASP A 333 -15.50 33.63 11.71
CA ASP A 333 -15.62 35.11 11.76
C ASP A 333 -14.30 35.71 11.26
N ILE A 334 -14.38 36.78 10.46
CA ILE A 334 -13.20 37.58 10.00
C ILE A 334 -12.59 38.28 11.21
N MET A 335 -11.26 38.39 11.27
CA MET A 335 -10.51 39.07 12.34
C MET A 335 -10.66 40.59 12.18
N HIS A 336 -10.20 41.14 11.06
CA HIS A 336 -10.12 42.60 10.75
C HIS A 336 -9.84 43.40 12.02
N GLU A 343 -6.91 44.18 1.51
CA GLU A 343 -6.37 43.00 2.22
C GLU A 343 -6.79 41.72 1.47
N VAL A 344 -5.83 41.07 0.78
CA VAL A 344 -6.08 39.88 -0.10
C VAL A 344 -6.01 38.61 0.77
N TYR A 345 -5.10 38.57 1.74
CA TYR A 345 -5.05 37.51 2.78
C TYR A 345 -6.32 37.62 3.63
N LEU A 346 -7.25 36.69 3.45
CA LEU A 346 -8.49 36.62 4.28
C LEU A 346 -8.14 35.96 5.60
N ILE A 347 -8.08 36.74 6.70
CA ILE A 347 -7.71 36.27 8.06
C ILE A 347 -9.01 36.02 8.84
N CYS A 348 -9.15 34.81 9.40
CA CYS A 348 -10.35 34.35 10.16
C CYS A 348 -9.96 34.06 11.61
N ASN A 349 -10.96 33.91 12.47
CA ASN A 349 -10.83 33.75 13.94
C ASN A 349 -10.25 32.38 14.31
N THR A 350 -10.16 31.45 13.35
CA THR A 350 -9.85 30.00 13.58
C THR A 350 -8.77 29.85 14.66
N THR A 351 -9.14 29.24 15.79
CA THR A 351 -8.27 29.02 16.97
C THR A 351 -7.47 27.73 16.76
N ASN A 352 -6.51 27.44 17.64
CA ASN A 352 -5.56 26.31 17.48
C ASN A 352 -6.34 24.99 17.43
N LEU A 353 -7.39 24.85 18.23
CA LEU A 353 -8.25 23.64 18.24
C LEU A 353 -9.03 23.52 16.91
N GLY A 354 -9.35 24.64 16.26
CA GLY A 354 -9.99 24.67 14.93
C GLY A 354 -9.06 24.14 13.87
N VAL A 355 -7.75 24.33 14.06
CA VAL A 355 -6.65 23.84 13.17
C VAL A 355 -6.28 22.40 13.56
N VAL A 356 -6.02 22.16 14.85
CA VAL A 356 -5.31 20.94 15.34
C VAL A 356 -6.26 19.72 15.33
N ALA A 357 -7.55 19.86 15.62
CA ALA A 357 -8.46 18.70 15.71
C ALA A 357 -8.53 17.98 14.36
N PRO A 358 -8.96 18.64 13.25
CA PRO A 358 -8.90 18.03 11.91
C PRO A 358 -7.50 17.57 11.48
N LEU A 359 -6.47 18.35 11.80
CA LEU A 359 -5.04 18.00 11.55
C LEU A 359 -4.75 16.62 12.15
N GLY A 360 -5.16 16.39 13.39
CA GLY A 360 -4.93 15.13 14.12
C GLY A 360 -5.55 13.97 13.38
N TYR A 361 -6.84 14.07 13.05
CA TYR A 361 -7.61 13.03 12.33
C TYR A 361 -6.99 12.79 10.96
N ASN A 362 -6.64 13.86 10.24
CA ASN A 362 -5.97 13.76 8.92
C ASN A 362 -4.63 13.01 9.08
N GLY A 363 -3.90 13.28 10.18
CA GLY A 363 -2.64 12.62 10.54
C GLY A 363 -2.81 11.13 10.77
N LEU A 364 -3.89 10.73 11.45
CA LEU A 364 -4.19 9.29 11.70
C LEU A 364 -4.45 8.60 10.36
N LEU A 365 -5.31 9.20 9.53
CA LEU A 365 -5.62 8.74 8.15
C LEU A 365 -4.32 8.50 7.37
N ILE A 366 -3.42 9.49 7.36
CA ILE A 366 -2.07 9.45 6.72
C ILE A 366 -1.26 8.29 7.31
N LEU A 367 -1.20 8.16 8.64
CA LEU A 367 -0.37 7.11 9.29
C LEU A 367 -0.89 5.71 8.99
N ALA A 368 -2.21 5.50 9.01
CA ALA A 368 -2.86 4.24 8.60
C ALA A 368 -2.49 3.92 7.14
N CYS A 369 -2.71 4.89 6.24
CA CYS A 369 -2.42 4.79 4.79
C CYS A 369 -0.99 4.29 4.62
N THR A 370 -0.04 5.01 5.21
CA THR A 370 1.42 4.71 5.19
C THR A 370 1.66 3.28 5.68
N PHE A 371 1.00 2.88 6.77
CA PHE A 371 1.18 1.54 7.39
C PHE A 371 0.78 0.45 6.39
N TYR A 372 -0.46 0.49 5.88
CA TYR A 372 -0.98 -0.53 4.93
C TYR A 372 -0.25 -0.43 3.59
N ALA A 373 0.02 0.78 3.11
CA ALA A 373 0.82 1.03 1.88
C ALA A 373 2.15 0.27 1.99
N PHE A 374 2.94 0.52 3.03
CA PHE A 374 4.25 -0.13 3.31
C PHE A 374 4.08 -1.66 3.38
N LYS A 375 3.04 -2.13 4.06
CA LYS A 375 2.73 -3.59 4.17
C LYS A 375 2.59 -4.19 2.76
N THR A 376 2.08 -3.42 1.80
CA THR A 376 1.68 -3.90 0.44
C THR A 376 2.63 -3.32 -0.62
N ARG A 377 3.81 -2.85 -0.22
CA ARG A 377 4.69 -2.00 -1.07
C ARG A 377 5.22 -2.79 -2.27
N ASN A 378 5.45 -4.10 -2.11
CA ASN A 378 6.04 -4.99 -3.15
C ASN A 378 4.97 -5.74 -3.95
N VAL A 379 3.69 -5.55 -3.61
CA VAL A 379 2.53 -6.16 -4.37
C VAL A 379 2.59 -5.65 -5.81
N PRO A 380 2.77 -6.54 -6.82
CA PRO A 380 3.00 -6.10 -8.19
C PRO A 380 1.74 -5.72 -8.98
N ALA A 381 0.56 -6.17 -8.53
CA ALA A 381 -0.77 -5.95 -9.14
C ALA A 381 -0.92 -4.51 -9.65
N ASN A 382 -1.68 -4.33 -10.73
CA ASN A 382 -2.05 -3.02 -11.33
C ASN A 382 -0.79 -2.22 -11.66
N PHE A 383 0.19 -2.82 -12.33
CA PHE A 383 1.41 -2.14 -12.85
C PHE A 383 2.20 -1.51 -11.69
N ASN A 384 2.29 -2.22 -10.56
CA ASN A 384 3.04 -1.80 -9.34
C ASN A 384 2.43 -0.52 -8.74
N GLU A 385 1.09 -0.41 -8.78
CA GLU A 385 0.28 0.63 -8.11
C GLU A 385 0.77 0.82 -6.66
N ALA A 386 1.09 -0.28 -5.97
CA ALA A 386 1.51 -0.33 -4.55
C ALA A 386 2.85 0.37 -4.33
N LYS A 387 3.81 0.21 -5.23
CA LYS A 387 5.17 0.80 -5.12
C LYS A 387 5.04 2.32 -5.01
N TYR A 388 4.18 2.90 -5.84
CA TYR A 388 3.96 4.36 -6.00
C TYR A 388 3.25 4.89 -4.75
N ILE A 389 2.15 4.23 -4.36
CA ILE A 389 1.33 4.61 -3.17
C ILE A 389 2.24 4.66 -1.94
N ALA A 390 3.11 3.67 -1.76
CA ALA A 390 4.07 3.63 -0.64
C ALA A 390 4.93 4.90 -0.69
N PHE A 391 5.48 5.21 -1.86
CA PHE A 391 6.34 6.41 -2.08
C PHE A 391 5.53 7.68 -1.78
N THR A 392 4.31 7.79 -2.30
CA THR A 392 3.38 8.92 -2.03
C THR A 392 3.30 9.15 -0.52
N MET A 393 2.92 8.12 0.23
CA MET A 393 2.66 8.22 1.69
C MET A 393 3.95 8.59 2.44
N TYR A 394 5.10 7.99 2.13
CA TYR A 394 6.40 8.35 2.78
C TYR A 394 6.62 9.86 2.67
N THR A 395 6.50 10.40 1.45
CA THR A 395 6.64 11.85 1.14
C THR A 395 5.64 12.63 2.00
N THR A 396 4.35 12.29 1.92
CA THR A 396 3.25 12.97 2.67
C THR A 396 3.58 13.10 4.16
N CYS A 397 4.13 12.06 4.78
CA CYS A 397 4.55 12.04 6.21
C CYS A 397 5.60 13.12 6.48
N ILE A 398 6.67 13.18 5.68
CA ILE A 398 7.78 14.16 5.87
C ILE A 398 7.24 15.56 5.66
N ILE A 399 6.34 15.74 4.68
CA ILE A 399 5.74 17.07 4.34
C ILE A 399 4.89 17.54 5.53
N TRP A 400 3.90 16.75 5.94
CA TRP A 400 2.96 17.10 7.04
C TRP A 400 3.72 17.30 8.35
N LEU A 401 4.67 16.42 8.66
CA LEU A 401 5.49 16.53 9.90
C LEU A 401 6.37 17.77 9.82
N ALA A 402 6.93 18.08 8.66
CA ALA A 402 7.74 19.31 8.42
C ALA A 402 6.89 20.56 8.69
N PHE A 403 5.63 20.61 8.23
CA PHE A 403 4.79 21.83 8.23
C PHE A 403 4.11 22.04 9.58
N VAL A 404 4.46 21.24 10.61
CA VAL A 404 4.02 21.49 12.01
C VAL A 404 4.91 22.59 12.58
N PRO A 405 6.24 22.38 12.78
CA PRO A 405 7.12 23.45 13.28
C PRO A 405 7.16 24.67 12.35
N ILE A 406 7.10 24.45 11.04
CA ILE A 406 7.14 25.52 10.00
C ILE A 406 5.92 26.46 10.20
N TYR A 407 4.70 25.92 10.21
CA TYR A 407 3.43 26.71 10.29
C TYR A 407 3.36 27.46 11.63
N PHE A 408 3.50 26.75 12.75
CA PHE A 408 3.42 27.35 14.11
C PHE A 408 4.55 28.38 14.28
N GLY A 409 5.76 28.07 13.80
CA GLY A 409 6.93 28.99 13.90
C GLY A 409 6.81 30.19 12.97
N SER A 410 5.80 30.25 12.10
CA SER A 410 5.68 31.22 10.98
C SER A 410 4.69 32.35 11.31
N ASN A 411 4.97 33.55 10.79
CA ASN A 411 4.11 34.76 10.89
C ASN A 411 3.41 35.04 9.56
N TYR A 412 3.56 34.14 8.58
CA TYR A 412 2.91 34.18 7.23
C TYR A 412 2.13 32.87 7.04
N LYS A 413 1.11 32.67 7.86
CA LYS A 413 0.41 31.37 8.02
C LYS A 413 -0.50 31.10 6.82
N ILE A 414 -1.20 32.11 6.28
CA ILE A 414 -2.15 31.89 5.16
C ILE A 414 -1.35 31.41 3.94
N ILE A 415 -0.17 31.98 3.74
CA ILE A 415 0.70 31.65 2.57
C ILE A 415 1.25 30.23 2.76
N THR A 416 1.83 29.92 3.92
CA THR A 416 2.41 28.58 4.19
C THR A 416 1.30 27.53 4.05
N MET A 417 0.08 27.85 4.53
CA MET A 417 -1.10 26.96 4.42
C MET A 417 -1.42 26.72 2.93
N CYS A 418 -1.39 27.78 2.10
CA CYS A 418 -1.62 27.73 0.62
C CYS A 418 -0.65 26.76 -0.03
N PHE A 419 0.65 26.97 0.12
CA PHE A 419 1.72 26.15 -0.52
C PHE A 419 1.69 24.72 0.05
N SER A 420 1.49 24.57 1.36
CA SER A 420 1.36 23.26 2.06
C SER A 420 0.29 22.37 1.40
N VAL A 421 -0.95 22.84 1.32
CA VAL A 421 -2.11 22.06 0.78
C VAL A 421 -1.80 21.68 -0.67
N SER A 422 -1.51 22.67 -1.50
CA SER A 422 -1.21 22.49 -2.95
C SER A 422 -0.07 21.48 -3.14
N LEU A 423 0.99 21.54 -2.33
CA LEU A 423 2.20 20.67 -2.41
C LEU A 423 1.80 19.21 -2.10
N SER A 424 1.21 18.96 -0.94
CA SER A 424 0.68 17.63 -0.54
C SER A 424 -0.24 17.07 -1.65
N ALA A 425 -1.03 17.92 -2.31
CA ALA A 425 -2.02 17.54 -3.35
C ALA A 425 -1.30 17.20 -4.66
N THR A 426 -0.22 17.92 -4.96
CA THR A 426 0.61 17.74 -6.18
C THR A 426 1.37 16.42 -6.05
N VAL A 427 1.89 16.16 -4.85
CA VAL A 427 2.62 14.89 -4.53
C VAL A 427 1.68 13.72 -4.84
N ALA A 428 0.44 13.74 -4.33
CA ALA A 428 -0.56 12.66 -4.50
C ALA A 428 -0.86 12.48 -5.99
N LEU A 429 -1.13 13.57 -6.69
CA LEU A 429 -1.40 13.60 -8.17
C LEU A 429 -0.14 13.15 -8.92
N GLY A 430 1.01 13.76 -8.61
CA GLY A 430 2.33 13.40 -9.18
C GLY A 430 2.61 11.91 -9.06
N CYS A 431 2.75 11.40 -7.84
CA CYS A 431 3.31 10.04 -7.58
C CYS A 431 2.28 8.95 -7.87
N MET A 432 0.98 9.25 -7.88
CA MET A 432 -0.07 8.21 -8.04
C MET A 432 -0.67 8.20 -9.46
N PHE A 433 -1.07 9.35 -9.99
CA PHE A 433 -1.93 9.43 -11.20
C PHE A 433 -1.10 9.62 -12.48
N VAL A 434 0.00 10.38 -12.43
CA VAL A 434 0.85 10.66 -13.61
C VAL A 434 1.37 9.34 -14.17
N PRO A 435 2.01 8.46 -13.36
CA PRO A 435 2.44 7.14 -13.83
C PRO A 435 1.41 6.31 -14.61
N LYS A 436 0.12 6.47 -14.32
CA LYS A 436 -0.97 5.72 -15.00
C LYS A 436 -1.37 6.47 -16.27
N VAL A 437 -1.52 7.80 -16.20
CA VAL A 437 -1.86 8.65 -17.38
C VAL A 437 -0.74 8.52 -18.42
N TYR A 438 0.51 8.36 -17.96
CA TYR A 438 1.70 8.13 -18.82
C TYR A 438 1.48 6.87 -19.67
N ILE A 439 1.13 5.75 -19.03
CA ILE A 439 0.97 4.42 -19.67
C ILE A 439 -0.22 4.46 -20.64
N ILE A 440 -1.34 5.06 -20.23
CA ILE A 440 -2.56 5.21 -21.08
C ILE A 440 -2.17 5.94 -22.37
N LEU A 441 -1.48 7.09 -22.26
CA LEU A 441 -1.27 8.07 -23.37
C LEU A 441 -0.01 7.72 -24.17
N ALA A 442 1.10 7.47 -23.50
CA ALA A 442 2.42 7.24 -24.12
C ALA A 442 2.60 5.78 -24.53
N LYS A 443 2.12 4.82 -23.72
CA LYS A 443 2.40 3.37 -23.90
C LYS A 443 1.10 2.57 -24.03
N PRO A 444 0.20 2.89 -24.99
CA PRO A 444 -1.00 2.09 -25.22
C PRO A 444 -0.78 0.58 -25.45
N GLU A 445 0.44 0.16 -25.83
CA GLU A 445 0.78 -1.28 -26.09
C GLU A 445 0.94 -2.03 -24.75
N ARG A 446 1.60 -1.41 -23.77
CA ARG A 446 1.81 -1.99 -22.40
C ARG A 446 0.49 -1.98 -21.60
N ASN A 447 -0.51 -1.19 -22.00
CA ASN A 447 -1.85 -1.11 -21.38
C ASN A 447 -2.60 -2.42 -21.69
N VAL A 448 -2.17 -3.52 -21.08
CA VAL A 448 -2.62 -4.91 -21.37
C VAL A 448 -2.62 -5.71 -20.06
N ARG A 449 -3.63 -6.57 -19.86
CA ARG A 449 -3.81 -7.43 -18.66
C ARG A 449 -2.74 -8.54 -18.65
#